data_1UAI
#
_entry.id   1UAI
#
_cell.length_a   40.925
_cell.length_b   47.234
_cell.length_c   50.307
_cell.angle_alpha   90.00
_cell.angle_beta   90.22
_cell.angle_gamma   90.00
#
_symmetry.space_group_name_H-M   'P 1 21 1'
#
loop_
_entity.id
_entity.type
_entity.pdbx_description
1 polymer 'polyguluronate lyase'
2 water water
#
_entity_poly.entity_id   1
_entity_poly.type   'polypeptide(L)'
_entity_poly.pdbx_seq_one_letter_code
;AEPCDYPAQQLDLTDWKVTLPIGSSGKPSEIEQPALDTFATAPWFQVNAKCTGVQFRAAVNGVTTSGSGYPRSELREMTD
GGEEKASWSATSGTHTMVFREAFNHLPEVKPHLVGAQIHDGDDDVTVFRLEGTSLYITKGDDTHHKLVTSDYKLNTVFEG
KFVVSGGKIKVYYNGVLQTTISHTSSGNYFKAGAYTQANCSNSSPCSSSNYGQVSLYKLQVTHS
;
_entity_poly.pdbx_strand_id   A
#
# COMPACT_ATOMS: atom_id res chain seq x y z
N GLU A 2 16.96 -6.56 15.24
CA GLU A 2 16.84 -6.23 16.69
C GLU A 2 15.69 -7.01 17.33
N PRO A 3 14.53 -7.09 16.65
CA PRO A 3 14.19 -6.53 15.34
C PRO A 3 13.05 -5.54 15.50
N CYS A 4 13.00 -4.88 16.65
CA CYS A 4 11.91 -3.96 16.96
C CYS A 4 12.19 -2.46 16.78
N ASP A 5 13.37 -2.11 16.29
CA ASP A 5 13.70 -0.70 16.13
C ASP A 5 13.36 -0.06 14.78
N TYR A 6 13.52 -0.80 13.69
CA TYR A 6 13.26 -0.24 12.37
C TYR A 6 12.40 -1.16 11.50
N PRO A 7 11.51 -0.58 10.69
CA PRO A 7 10.67 -1.41 9.82
C PRO A 7 11.52 -2.35 8.98
N ALA A 8 12.73 -1.91 8.62
CA ALA A 8 13.64 -2.72 7.81
C ALA A 8 14.11 -3.99 8.51
N GLN A 9 13.82 -4.13 9.80
CA GLN A 9 14.20 -5.32 10.55
C GLN A 9 13.05 -6.33 10.56
N GLN A 10 11.86 -5.87 10.16
CA GLN A 10 10.66 -6.71 10.13
C GLN A 10 10.38 -7.26 8.73
N LEU A 11 10.70 -6.48 7.71
CA LEU A 11 10.48 -6.85 6.31
C LEU A 11 11.76 -6.56 5.55
N ASP A 12 11.97 -7.25 4.42
CA ASP A 12 13.15 -7.00 3.61
C ASP A 12 12.80 -5.80 2.74
N LEU A 13 13.24 -4.62 3.14
CA LEU A 13 12.95 -3.40 2.40
C LEU A 13 14.02 -3.00 1.40
N THR A 14 14.92 -3.92 1.09
CA THR A 14 16.00 -3.65 0.15
C THR A 14 15.52 -3.03 -1.17
N ASP A 15 14.52 -3.66 -1.80
CA ASP A 15 14.01 -3.17 -3.06
C ASP A 15 12.71 -2.39 -2.94
N TRP A 16 12.74 -1.40 -2.06
CA TRP A 16 11.61 -0.53 -1.81
C TRP A 16 12.10 0.84 -1.35
N LYS A 17 11.20 1.81 -1.40
CA LYS A 17 11.45 3.14 -0.88
C LYS A 17 10.11 3.48 -0.23
N VAL A 18 10.09 4.44 0.67
CA VAL A 18 8.85 4.79 1.35
C VAL A 18 8.47 6.25 1.12
N THR A 19 7.17 6.48 0.94
CA THR A 19 6.62 7.83 0.76
C THR A 19 5.81 8.04 2.03
N LEU A 20 5.98 9.21 2.65
CA LEU A 20 5.34 9.53 3.91
C LEU A 20 4.25 10.60 3.84
N PRO A 21 3.49 10.77 4.95
CA PRO A 21 2.43 11.77 5.02
C PRO A 21 2.89 13.05 5.70
N ILE A 22 4.22 13.22 5.78
CA ILE A 22 4.82 14.40 6.37
C ILE A 22 5.76 15.01 5.34
N GLY A 23 6.22 16.23 5.60
CA GLY A 23 7.11 16.91 4.68
C GLY A 23 6.68 18.35 4.52
N SER A 24 7.37 19.08 3.64
CA SER A 24 7.03 20.47 3.40
C SER A 24 5.78 20.53 2.52
N SER A 25 5.18 21.72 2.44
CA SER A 25 3.97 21.93 1.68
C SER A 25 3.94 21.28 0.29
N GLY A 26 2.99 20.38 0.09
CA GLY A 26 2.84 19.70 -1.18
C GLY A 26 3.99 18.82 -1.63
N LYS A 27 4.87 18.46 -0.71
CA LYS A 27 6.00 17.61 -1.05
C LYS A 27 6.20 16.49 -0.04
N PRO A 28 5.46 15.37 -0.20
CA PRO A 28 5.60 14.25 0.75
C PRO A 28 7.05 13.76 0.80
N SER A 29 7.57 13.60 2.00
CA SER A 29 8.94 13.12 2.15
C SER A 29 9.07 11.67 1.73
N GLU A 30 10.21 11.34 1.13
CA GLU A 30 10.48 9.97 0.72
C GLU A 30 11.86 9.58 1.25
N ILE A 31 12.00 8.34 1.66
CA ILE A 31 13.28 7.83 2.15
C ILE A 31 13.63 6.61 1.32
N GLU A 32 14.82 6.63 0.75
CA GLU A 32 15.30 5.54 -0.08
C GLU A 32 16.47 4.83 0.61
N GLN A 33 16.88 3.70 0.05
CA GLN A 33 18.02 2.96 0.58
C GLN A 33 19.25 3.79 0.23
N PRO A 34 20.32 3.67 1.03
CA PRO A 34 20.44 2.79 2.20
C PRO A 34 19.93 3.40 3.52
N ALA A 35 19.57 4.68 3.51
CA ALA A 35 19.09 5.31 4.74
C ALA A 35 17.84 4.61 5.27
N LEU A 36 17.03 4.08 4.36
CA LEU A 36 15.80 3.40 4.75
C LEU A 36 16.06 2.23 5.69
N ASP A 37 17.24 1.61 5.59
CA ASP A 37 17.58 0.48 6.43
C ASP A 37 17.54 0.80 7.92
N THR A 38 17.77 2.05 8.28
CA THR A 38 17.73 2.44 9.68
C THR A 38 16.86 3.69 9.86
N PHE A 39 15.72 3.70 9.18
CA PHE A 39 14.80 4.82 9.24
C PHE A 39 13.45 4.45 9.87
N ALA A 40 12.93 5.35 10.68
CA ALA A 40 11.63 5.18 11.31
C ALA A 40 11.12 6.55 11.69
N THR A 41 9.80 6.74 11.63
CA THR A 41 9.20 8.00 12.01
C THR A 41 7.81 7.69 12.58
N ALA A 42 7.72 7.71 13.90
CA ALA A 42 6.47 7.42 14.60
C ALA A 42 5.49 8.58 14.49
N PRO A 43 4.20 8.28 14.31
CA PRO A 43 3.58 6.96 14.19
C PRO A 43 3.35 6.52 12.75
N TRP A 44 3.80 7.33 11.80
CA TRP A 44 3.56 7.07 10.38
C TRP A 44 4.23 5.85 9.74
N PHE A 45 5.44 5.55 10.17
CA PHE A 45 6.20 4.43 9.60
C PHE A 45 7.13 3.93 10.70
N GLN A 46 6.71 2.87 11.37
CA GLN A 46 7.48 2.33 12.48
C GLN A 46 7.16 0.86 12.69
N VAL A 47 7.96 0.19 13.51
CA VAL A 47 7.68 -1.19 13.86
C VAL A 47 6.50 -1.05 14.81
N ASN A 48 5.53 -1.95 14.75
CA ASN A 48 4.40 -1.83 15.66
C ASN A 48 4.84 -2.15 17.10
N ALA A 49 4.01 -1.75 18.06
CA ALA A 49 4.33 -1.96 19.47
C ALA A 49 4.62 -3.43 19.82
N LYS A 50 3.91 -4.34 19.16
CA LYS A 50 4.10 -5.76 19.43
C LYS A 50 5.32 -6.37 18.75
N CYS A 51 6.05 -5.57 17.99
CA CYS A 51 7.25 -6.02 17.31
C CYS A 51 7.00 -7.24 16.41
N THR A 52 5.94 -7.18 15.62
CA THR A 52 5.58 -8.27 14.71
C THR A 52 5.45 -7.83 13.27
N GLY A 53 5.39 -6.52 13.03
CA GLY A 53 5.26 -6.03 11.68
C GLY A 53 5.48 -4.54 11.57
N VAL A 54 5.14 -3.98 10.42
CA VAL A 54 5.33 -2.55 10.19
C VAL A 54 4.01 -1.80 10.18
N GLN A 55 3.96 -0.74 10.97
CA GLN A 55 2.79 0.11 11.06
C GLN A 55 2.91 1.28 10.10
N PHE A 56 1.91 1.44 9.23
CA PHE A 56 1.86 2.53 8.27
C PHE A 56 0.62 3.34 8.63
N ARG A 57 0.78 4.64 8.86
CA ARG A 57 -0.35 5.48 9.21
C ARG A 57 -0.33 6.77 8.40
N ALA A 58 -1.50 7.17 7.90
CA ALA A 58 -1.63 8.41 7.15
C ALA A 58 -2.95 9.07 7.55
N ALA A 59 -2.85 10.26 8.14
CA ALA A 59 -4.02 11.01 8.59
C ALA A 59 -4.58 11.87 7.47
N VAL A 60 -5.85 12.25 7.60
CA VAL A 60 -6.52 13.03 6.57
C VAL A 60 -5.89 14.39 6.29
N ASN A 61 -5.13 14.91 7.24
CA ASN A 61 -4.48 16.22 7.07
C ASN A 61 -3.03 16.03 6.64
N GLY A 62 -2.69 14.82 6.22
CA GLY A 62 -1.33 14.52 5.80
C GLY A 62 -0.89 15.28 4.57
N VAL A 63 0.41 15.39 4.40
CA VAL A 63 1.00 16.08 3.26
C VAL A 63 0.73 15.26 2.00
N THR A 64 0.32 15.95 0.94
CA THR A 64 0.03 15.29 -0.33
C THR A 64 0.71 16.08 -1.44
N THR A 65 0.92 15.42 -2.58
CA THR A 65 1.56 16.05 -3.71
C THR A 65 0.85 17.34 -4.11
N SER A 66 1.61 18.44 -4.12
CA SER A 66 1.09 19.75 -4.48
C SER A 66 0.17 20.35 -3.42
N GLY A 67 -0.48 19.49 -2.63
CA GLY A 67 -1.38 19.96 -1.61
C GLY A 67 -2.77 19.44 -1.85
N SER A 68 -2.98 18.88 -3.03
CA SER A 68 -4.27 18.33 -3.42
C SER A 68 -4.10 16.85 -3.67
N GLY A 69 -4.98 16.03 -3.10
CA GLY A 69 -4.90 14.60 -3.27
C GLY A 69 -5.05 13.88 -1.95
N TYR A 70 -4.66 12.62 -1.91
CA TYR A 70 -4.77 11.81 -0.70
C TYR A 70 -3.40 11.48 -0.12
N PRO A 71 -3.29 11.49 1.21
CA PRO A 71 -2.04 11.19 1.95
C PRO A 71 -1.73 9.71 2.06
N ARG A 72 -0.45 9.40 2.22
CA ARG A 72 -0.04 8.01 2.33
C ARG A 72 1.25 7.82 3.10
N SER A 73 1.42 6.60 3.59
CA SER A 73 2.66 6.13 4.22
C SER A 73 2.66 4.80 3.49
N GLU A 74 3.44 4.72 2.43
CA GLU A 74 3.38 3.55 1.58
C GLU A 74 4.70 3.23 0.87
N LEU A 75 4.97 1.93 0.72
CA LEU A 75 6.18 1.48 0.04
C LEU A 75 5.96 1.46 -1.47
N ARG A 76 7.00 1.82 -2.21
CA ARG A 76 6.97 1.86 -3.66
C ARG A 76 8.09 0.93 -4.14
N GLU A 77 7.74 -0.02 -5.01
CA GLU A 77 8.70 -1.00 -5.50
C GLU A 77 9.90 -0.43 -6.23
N MET A 78 11.08 -0.87 -5.83
CA MET A 78 12.33 -0.44 -6.44
C MET A 78 13.04 -1.72 -6.92
N THR A 79 14.23 -1.56 -7.48
CA THR A 79 14.99 -2.70 -7.96
C THR A 79 16.48 -2.38 -7.90
N ASP A 80 17.31 -3.41 -8.11
CA ASP A 80 18.76 -3.26 -8.09
C ASP A 80 19.23 -2.70 -6.75
N GLY A 81 18.89 -3.40 -5.67
CA GLY A 81 19.29 -2.96 -4.35
C GLY A 81 18.57 -1.69 -3.92
N GLY A 82 17.39 -1.45 -4.48
CA GLY A 82 16.62 -0.26 -4.14
C GLY A 82 17.17 1.01 -4.76
N GLU A 83 18.05 0.85 -5.75
CA GLU A 83 18.67 1.99 -6.42
C GLU A 83 17.81 2.67 -7.48
N GLU A 84 16.91 1.92 -8.10
CA GLU A 84 16.06 2.51 -9.13
C GLU A 84 14.62 2.04 -9.04
N LYS A 85 13.73 2.79 -9.66
CA LYS A 85 12.31 2.46 -9.67
C LYS A 85 12.01 1.21 -10.48
N ALA A 86 11.16 0.34 -9.94
CA ALA A 86 10.79 -0.87 -10.63
C ALA A 86 9.82 -0.49 -11.74
N SER A 87 9.90 -1.24 -12.85
CA SER A 87 9.04 -1.03 -14.00
C SER A 87 9.02 -2.34 -14.77
N TRP A 88 7.88 -3.02 -14.78
CA TRP A 88 7.80 -4.30 -15.48
C TRP A 88 6.59 -4.45 -16.38
N SER A 89 6.72 -5.40 -17.31
CA SER A 89 5.70 -5.72 -18.30
C SER A 89 4.61 -6.65 -17.79
N ALA A 90 3.41 -6.50 -18.34
CA ALA A 90 2.30 -7.36 -17.97
C ALA A 90 2.16 -8.49 -19.00
N THR A 91 2.86 -8.37 -20.12
CA THR A 91 2.80 -9.36 -21.19
C THR A 91 4.06 -10.21 -21.35
N SER A 92 5.08 -9.91 -20.55
CA SER A 92 6.33 -10.65 -20.58
C SER A 92 6.73 -10.94 -19.14
N GLY A 93 7.04 -12.20 -18.85
CA GLY A 93 7.45 -12.56 -17.50
C GLY A 93 6.30 -12.83 -16.54
N THR A 94 6.66 -13.20 -15.32
CA THR A 94 5.70 -13.50 -14.26
C THR A 94 6.08 -12.61 -13.08
N HIS A 95 5.15 -11.77 -12.67
CA HIS A 95 5.38 -10.80 -11.61
C HIS A 95 4.43 -11.02 -10.45
N THR A 96 5.00 -11.30 -9.30
CA THR A 96 4.21 -11.64 -8.12
C THR A 96 4.50 -10.82 -6.87
N MET A 97 3.44 -10.48 -6.14
CA MET A 97 3.59 -9.83 -4.85
C MET A 97 2.67 -10.57 -3.90
N VAL A 98 3.27 -11.11 -2.84
CA VAL A 98 2.51 -11.79 -1.80
C VAL A 98 2.70 -10.92 -0.56
N PHE A 99 1.60 -10.60 0.11
CA PHE A 99 1.69 -9.77 1.29
C PHE A 99 0.66 -10.21 2.33
N ARG A 100 0.97 -9.93 3.59
CA ARG A 100 0.05 -10.23 4.68
C ARG A 100 -0.10 -8.92 5.41
N GLU A 101 -1.33 -8.46 5.54
CA GLU A 101 -1.57 -7.19 6.22
C GLU A 101 -2.92 -7.18 6.89
N ALA A 102 -3.13 -6.14 7.68
CA ALA A 102 -4.39 -5.94 8.36
C ALA A 102 -4.68 -4.44 8.34
N PHE A 103 -5.94 -4.08 8.12
CA PHE A 103 -6.34 -2.69 8.15
C PHE A 103 -6.69 -2.48 9.63
N ASN A 104 -6.08 -1.48 10.26
CA ASN A 104 -6.28 -1.23 11.69
C ASN A 104 -7.18 -0.07 12.05
N HIS A 105 -7.24 0.94 11.20
CA HIS A 105 -7.99 2.14 11.51
C HIS A 105 -8.45 2.81 10.23
N LEU A 106 -9.61 3.45 10.29
CA LEU A 106 -10.17 4.12 9.13
C LEU A 106 -10.51 5.57 9.44
N PRO A 107 -10.42 6.44 8.44
CA PRO A 107 -10.74 7.85 8.69
C PRO A 107 -12.23 8.02 8.91
N GLU A 108 -12.61 9.13 9.54
CA GLU A 108 -14.01 9.43 9.81
C GLU A 108 -14.73 9.85 8.53
N VAL A 109 -16.06 9.72 8.54
CA VAL A 109 -16.92 10.12 7.43
C VAL A 109 -16.80 9.33 6.14
N LYS A 110 -15.58 9.22 5.62
CA LYS A 110 -15.28 8.50 4.39
C LYS A 110 -14.24 7.47 4.80
N PRO A 111 -14.68 6.34 5.40
CA PRO A 111 -13.80 5.27 5.87
C PRO A 111 -13.20 4.42 4.76
N HIS A 112 -12.40 5.05 3.91
CA HIS A 112 -11.79 4.39 2.76
C HIS A 112 -10.27 4.35 2.89
N LEU A 113 -9.69 3.17 2.65
CA LEU A 113 -8.26 2.98 2.79
C LEU A 113 -7.72 1.91 1.83
N VAL A 114 -6.61 2.22 1.17
CA VAL A 114 -6.00 1.28 0.21
C VAL A 114 -4.74 0.68 0.85
N GLY A 115 -4.62 -0.65 0.80
CA GLY A 115 -3.50 -1.32 1.44
C GLY A 115 -2.45 -1.99 0.56
N ALA A 116 -2.72 -2.12 -0.73
CA ALA A 116 -1.77 -2.72 -1.66
C ALA A 116 -2.23 -2.41 -3.06
N GLN A 117 -1.28 -2.29 -3.98
CA GLN A 117 -1.67 -2.02 -5.35
C GLN A 117 -0.65 -2.35 -6.42
N ILE A 118 -1.16 -2.33 -7.65
CA ILE A 118 -0.35 -2.46 -8.85
C ILE A 118 -0.65 -1.10 -9.46
N HIS A 119 0.40 -0.38 -9.81
CA HIS A 119 0.27 0.96 -10.38
C HIS A 119 1.15 0.97 -11.62
N ASP A 120 0.83 1.81 -12.60
CA ASP A 120 1.72 1.89 -13.76
C ASP A 120 2.09 3.33 -14.03
N GLY A 121 2.54 3.62 -15.25
CA GLY A 121 2.94 4.98 -15.55
C GLY A 121 1.81 6.00 -15.63
N ASP A 122 0.58 5.51 -15.67
CA ASP A 122 -0.58 6.40 -15.76
C ASP A 122 -1.41 6.54 -14.50
N ASP A 123 -1.64 5.43 -13.80
CA ASP A 123 -2.45 5.48 -12.59
C ASP A 123 -2.54 4.10 -11.94
N ASP A 124 -3.38 3.97 -10.91
CA ASP A 124 -3.53 2.69 -10.25
C ASP A 124 -4.24 1.72 -11.20
N VAL A 125 -3.81 0.47 -11.20
CA VAL A 125 -4.37 -0.55 -12.07
C VAL A 125 -5.41 -1.38 -11.33
N THR A 126 -5.03 -1.87 -10.15
CA THR A 126 -5.92 -2.65 -9.29
C THR A 126 -5.33 -2.59 -7.90
N VAL A 127 -6.20 -2.38 -6.90
CA VAL A 127 -5.75 -2.27 -5.53
C VAL A 127 -6.69 -2.97 -4.55
N PHE A 128 -6.20 -3.20 -3.34
CA PHE A 128 -7.01 -3.78 -2.26
C PHE A 128 -7.51 -2.54 -1.53
N ARG A 129 -8.82 -2.34 -1.58
CA ARG A 129 -9.46 -1.16 -1.01
C ARG A 129 -10.54 -1.49 0.01
N LEU A 130 -10.37 -0.98 1.23
CA LEU A 130 -11.36 -1.21 2.27
C LEU A 130 -12.24 0.02 2.46
N GLU A 131 -13.55 -0.20 2.51
CA GLU A 131 -14.52 0.86 2.76
C GLU A 131 -15.40 0.31 3.87
N GLY A 132 -15.17 0.78 5.10
CA GLY A 132 -15.95 0.30 6.24
C GLY A 132 -15.56 -1.14 6.52
N THR A 133 -16.48 -2.07 6.29
CA THR A 133 -16.19 -3.49 6.49
C THR A 133 -16.21 -4.21 5.16
N SER A 134 -16.28 -3.45 4.07
CA SER A 134 -16.30 -4.03 2.73
C SER A 134 -14.96 -3.88 2.04
N LEU A 135 -14.30 -5.01 1.81
CA LEU A 135 -13.00 -5.05 1.17
C LEU A 135 -13.21 -5.37 -0.31
N TYR A 136 -12.63 -4.54 -1.18
CA TYR A 136 -12.76 -4.72 -2.62
C TYR A 136 -11.42 -4.85 -3.33
N ILE A 137 -11.48 -5.44 -4.50
CA ILE A 137 -10.33 -5.50 -5.40
C ILE A 137 -10.87 -4.58 -6.50
N THR A 138 -10.14 -3.50 -6.76
CA THR A 138 -10.57 -2.53 -7.75
C THR A 138 -10.05 -2.84 -9.14
N LYS A 139 -10.54 -2.09 -10.12
CA LYS A 139 -10.11 -2.20 -11.50
C LYS A 139 -10.16 -0.80 -12.05
N GLY A 140 -9.00 -0.17 -12.20
CA GLY A 140 -8.97 1.19 -12.70
C GLY A 140 -9.81 2.08 -11.80
N ASP A 141 -10.67 2.90 -12.39
CA ASP A 141 -11.51 3.81 -11.62
C ASP A 141 -12.70 3.15 -10.94
N ASP A 142 -12.90 1.86 -11.17
CA ASP A 142 -14.02 1.16 -10.53
C ASP A 142 -13.59 0.68 -9.15
N THR A 143 -13.95 1.45 -8.14
CA THR A 143 -13.60 1.14 -6.75
C THR A 143 -14.32 -0.08 -6.20
N HIS A 144 -15.37 -0.53 -6.88
CA HIS A 144 -16.15 -1.69 -6.42
C HIS A 144 -16.14 -2.85 -7.42
N HIS A 145 -15.08 -2.95 -8.21
CA HIS A 145 -14.96 -4.01 -9.20
C HIS A 145 -15.34 -5.39 -8.67
N LYS A 146 -14.75 -5.78 -7.54
CA LYS A 146 -15.05 -7.07 -6.93
C LYS A 146 -15.05 -6.98 -5.41
N LEU A 147 -16.20 -7.30 -4.82
CA LEU A 147 -16.31 -7.30 -3.37
C LEU A 147 -15.71 -8.62 -2.89
N VAL A 148 -14.67 -8.53 -2.06
CA VAL A 148 -14.04 -9.73 -1.51
C VAL A 148 -14.92 -10.21 -0.35
N THR A 149 -15.28 -9.29 0.53
CA THR A 149 -16.13 -9.60 1.67
C THR A 149 -16.71 -8.31 2.24
N SER A 150 -17.95 -8.38 2.71
CA SER A 150 -18.61 -7.23 3.33
C SER A 150 -18.48 -7.40 4.83
N ASP A 151 -17.69 -8.39 5.25
CA ASP A 151 -17.49 -8.68 6.66
C ASP A 151 -16.03 -8.65 7.07
N TYR A 152 -15.27 -7.68 6.56
CA TYR A 152 -13.86 -7.54 6.94
C TYR A 152 -13.83 -6.87 8.31
N LYS A 153 -13.17 -7.52 9.26
CA LYS A 153 -13.08 -7.00 10.62
C LYS A 153 -11.71 -6.37 10.86
N LEU A 154 -11.71 -5.14 11.32
CA LEU A 154 -10.45 -4.44 11.58
C LEU A 154 -9.50 -5.28 12.40
N ASN A 155 -8.23 -5.20 12.04
CA ASN A 155 -7.13 -5.91 12.68
C ASN A 155 -7.00 -7.38 12.30
N THR A 156 -7.81 -7.82 11.34
CA THR A 156 -7.72 -9.20 10.89
C THR A 156 -6.67 -9.29 9.80
N VAL A 157 -5.69 -10.15 10.01
CA VAL A 157 -4.63 -10.32 9.03
C VAL A 157 -5.09 -11.25 7.92
N PHE A 158 -4.83 -10.85 6.68
CA PHE A 158 -5.19 -11.66 5.52
C PHE A 158 -3.99 -11.69 4.60
N GLU A 159 -3.97 -12.65 3.69
CA GLU A 159 -2.88 -12.77 2.74
C GLU A 159 -3.40 -12.43 1.36
N GLY A 160 -2.81 -11.40 0.75
CA GLY A 160 -3.21 -11.00 -0.58
C GLY A 160 -2.11 -11.37 -1.54
N LYS A 161 -2.47 -11.58 -2.79
CA LYS A 161 -1.47 -11.90 -3.80
C LYS A 161 -1.87 -11.41 -5.19
N PHE A 162 -0.91 -10.82 -5.88
CA PHE A 162 -1.09 -10.37 -7.26
C PHE A 162 -0.15 -11.23 -8.08
N VAL A 163 -0.64 -11.79 -9.18
CA VAL A 163 0.21 -12.55 -10.10
C VAL A 163 -0.10 -12.00 -11.47
N VAL A 164 0.90 -11.39 -12.10
CA VAL A 164 0.73 -10.81 -13.43
C VAL A 164 1.55 -11.58 -14.46
N SER A 165 0.88 -12.03 -15.52
CA SER A 165 1.54 -12.76 -16.59
C SER A 165 0.57 -12.91 -17.75
N GLY A 166 1.11 -13.00 -18.96
CA GLY A 166 0.28 -13.17 -20.15
C GLY A 166 -0.83 -12.14 -20.35
N GLY A 167 -0.58 -10.91 -19.93
CA GLY A 167 -1.57 -9.86 -20.10
C GLY A 167 -2.76 -9.98 -19.17
N LYS A 168 -2.59 -10.70 -18.07
CA LYS A 168 -3.66 -10.90 -17.11
C LYS A 168 -3.16 -10.73 -15.68
N ILE A 169 -4.00 -10.16 -14.83
CA ILE A 169 -3.67 -9.98 -13.43
C ILE A 169 -4.61 -10.85 -12.61
N LYS A 170 -4.06 -11.81 -11.88
CA LYS A 170 -4.85 -12.69 -11.03
C LYS A 170 -4.69 -12.15 -9.60
N VAL A 171 -5.81 -11.89 -8.93
CA VAL A 171 -5.76 -11.34 -7.57
C VAL A 171 -6.38 -12.34 -6.59
N TYR A 172 -5.62 -12.68 -5.56
CA TYR A 172 -6.05 -13.65 -4.54
C TYR A 172 -6.20 -13.06 -3.16
N TYR A 173 -7.11 -13.64 -2.38
CA TYR A 173 -7.37 -13.26 -1.00
C TYR A 173 -7.42 -14.58 -0.24
N ASN A 174 -6.49 -14.74 0.71
CA ASN A 174 -6.38 -15.96 1.50
C ASN A 174 -6.38 -17.21 0.61
N GLY A 175 -5.62 -17.14 -0.47
CA GLY A 175 -5.49 -18.26 -1.39
C GLY A 175 -6.58 -18.46 -2.43
N VAL A 176 -7.67 -17.71 -2.34
CA VAL A 176 -8.76 -17.86 -3.28
C VAL A 176 -8.75 -16.76 -4.35
N LEU A 177 -8.84 -17.18 -5.61
CA LEU A 177 -8.86 -16.24 -6.73
C LEU A 177 -10.12 -15.39 -6.64
N GLN A 178 -9.94 -14.07 -6.63
CA GLN A 178 -11.05 -13.13 -6.52
C GLN A 178 -11.48 -12.56 -7.86
N THR A 179 -10.50 -12.30 -8.72
CA THR A 179 -10.77 -11.74 -10.03
C THR A 179 -9.56 -11.84 -10.93
N THR A 180 -9.81 -11.81 -12.23
CA THR A 180 -8.75 -11.84 -13.22
C THR A 180 -9.02 -10.61 -14.08
N ILE A 181 -8.03 -9.72 -14.14
CA ILE A 181 -8.16 -8.47 -14.88
C ILE A 181 -7.23 -8.42 -16.09
N SER A 182 -7.79 -8.07 -17.24
CA SER A 182 -7.00 -7.96 -18.46
C SER A 182 -6.18 -6.68 -18.35
N HIS A 183 -4.87 -6.79 -18.58
CA HIS A 183 -3.97 -5.65 -18.48
C HIS A 183 -2.74 -5.96 -19.34
N THR A 184 -2.48 -5.12 -20.33
CA THR A 184 -1.35 -5.35 -21.23
C THR A 184 -0.29 -4.25 -21.27
N SER A 185 -0.49 -3.17 -20.52
CA SER A 185 0.49 -2.09 -20.52
C SER A 185 1.71 -2.48 -19.69
N SER A 186 2.83 -1.82 -19.96
CA SER A 186 4.06 -2.06 -19.22
C SER A 186 4.21 -0.92 -18.22
N GLY A 187 5.39 -0.78 -17.62
CA GLY A 187 5.60 0.27 -16.64
C GLY A 187 4.89 0.04 -15.32
N ASN A 188 4.62 -1.22 -15.01
CA ASN A 188 3.93 -1.56 -13.77
C ASN A 188 4.88 -1.70 -12.59
N TYR A 189 4.35 -1.51 -11.38
CA TYR A 189 5.12 -1.66 -10.16
C TYR A 189 4.16 -1.87 -9.00
N PHE A 190 4.67 -2.48 -7.94
CA PHE A 190 3.87 -2.78 -6.75
C PHE A 190 4.01 -1.71 -5.67
N LYS A 191 2.98 -1.62 -4.82
CA LYS A 191 2.97 -0.71 -3.69
C LYS A 191 2.24 -1.42 -2.55
N ALA A 192 2.59 -1.07 -1.31
CA ALA A 192 1.94 -1.66 -0.13
C ALA A 192 2.13 -0.71 1.04
N GLY A 193 1.07 -0.54 1.83
CA GLY A 193 1.12 0.34 2.99
C GLY A 193 -0.25 0.92 3.27
N ALA A 194 -0.29 2.18 3.71
CA ALA A 194 -1.54 2.85 4.02
C ALA A 194 -1.74 4.08 3.14
N TYR A 195 -2.66 3.97 2.18
CA TYR A 195 -2.97 5.07 1.28
C TYR A 195 -4.41 5.46 1.63
N THR A 196 -4.52 6.47 2.50
CA THR A 196 -5.81 6.93 3.01
C THR A 196 -6.61 7.73 1.98
N GLN A 197 -7.78 7.18 1.63
CA GLN A 197 -8.64 7.81 0.63
C GLN A 197 -9.60 8.85 1.21
N ALA A 198 -9.03 9.80 1.94
CA ALA A 198 -9.80 10.88 2.53
C ALA A 198 -8.84 11.98 2.93
N ASN A 199 -9.30 13.23 2.83
CA ASN A 199 -8.50 14.37 3.24
C ASN A 199 -9.43 15.35 3.95
N CYS A 200 -8.94 16.53 4.27
CA CYS A 200 -9.78 17.49 4.99
C CYS A 200 -10.96 18.06 4.22
N SER A 201 -11.03 17.79 2.92
CA SER A 201 -12.15 18.29 2.13
C SER A 201 -13.36 17.37 2.27
N ASN A 202 -13.13 16.09 2.56
CA ASN A 202 -14.24 15.15 2.68
C ASN A 202 -14.26 14.32 3.97
N SER A 203 -13.46 14.72 4.95
CA SER A 203 -13.42 14.03 6.23
C SER A 203 -13.10 15.02 7.33
N SER A 204 -13.83 14.94 8.43
CA SER A 204 -13.61 15.82 9.57
C SER A 204 -13.55 14.96 10.82
N PRO A 205 -12.81 15.39 11.85
CA PRO A 205 -12.05 16.62 11.91
C PRO A 205 -10.75 16.60 11.10
N CYS A 206 -10.24 17.79 10.79
CA CYS A 206 -9.00 17.90 10.03
C CYS A 206 -7.91 17.80 11.09
N SER A 207 -7.60 16.56 11.46
CA SER A 207 -6.64 16.29 12.51
C SER A 207 -5.80 15.04 12.26
N SER A 208 -4.63 15.00 12.85
CA SER A 208 -3.75 13.85 12.69
C SER A 208 -4.29 12.63 13.45
N SER A 209 -5.34 12.85 14.24
CA SER A 209 -5.96 11.76 15.00
C SER A 209 -7.07 11.09 14.18
N ASN A 210 -7.31 11.61 12.99
CA ASN A 210 -8.32 11.10 12.06
C ASN A 210 -7.47 10.45 10.96
N TYR A 211 -7.36 9.12 11.00
CA TYR A 211 -6.45 8.46 10.07
C TYR A 211 -6.77 7.04 9.64
N GLY A 212 -6.03 6.62 8.62
CA GLY A 212 -6.11 5.27 8.13
C GLY A 212 -4.79 4.64 8.54
N GLN A 213 -4.82 3.36 8.90
CA GLN A 213 -3.61 2.66 9.30
C GLN A 213 -3.66 1.21 8.85
N VAL A 214 -2.52 0.73 8.38
CA VAL A 214 -2.36 -0.64 7.92
C VAL A 214 -1.09 -1.22 8.55
N SER A 215 -1.13 -2.50 8.91
CA SER A 215 0.03 -3.18 9.47
C SER A 215 0.43 -4.25 8.46
N LEU A 216 1.70 -4.25 8.09
CA LEU A 216 2.24 -5.18 7.11
C LEU A 216 3.13 -6.19 7.81
N TYR A 217 2.78 -7.47 7.67
CA TYR A 217 3.48 -8.57 8.33
C TYR A 217 4.38 -9.41 7.44
N LYS A 218 4.07 -9.45 6.15
CA LYS A 218 4.86 -10.21 5.19
C LYS A 218 4.80 -9.43 3.89
N LEU A 219 5.92 -9.38 3.17
CA LEU A 219 5.99 -8.66 1.91
C LEU A 219 7.04 -9.34 1.04
N GLN A 220 6.58 -9.97 -0.05
CA GLN A 220 7.47 -10.70 -0.94
C GLN A 220 7.14 -10.39 -2.40
N VAL A 221 8.16 -9.99 -3.16
CA VAL A 221 7.98 -9.70 -4.57
C VAL A 221 8.98 -10.53 -5.36
N THR A 222 8.51 -11.14 -6.45
CA THR A 222 9.38 -11.94 -7.30
C THR A 222 9.07 -11.65 -8.75
N HIS A 223 10.09 -11.87 -9.59
CA HIS A 223 9.98 -11.65 -11.02
C HIS A 223 10.77 -12.74 -11.73
N SER A 224 10.17 -13.34 -12.75
CA SER A 224 10.85 -14.38 -13.51
C SER A 224 10.40 -14.34 -14.96
#